data_7AAQ
#
_entry.id   7AAQ
#
_cell.length_a   59.496
_cell.length_b   92.780
_cell.length_c   119.788
_cell.angle_alpha   90.000
_cell.angle_beta   90.000
_cell.angle_gamma   90.000
#
_symmetry.space_group_name_H-M   'P 21 21 21'
#
loop_
_entity.id
_entity.type
_entity.pdbx_description
1 polymer 'Sugar transport protein 10'
2 non-polymer beta-D-glucopyranose
3 non-polymer '(2R)-2,3-dihydroxypropyl (9Z)-octadec-9-enoate'
4 non-polymer 3,6,9,12,15,18,21,24,27-NONAOXANONACOSANE-1,29-DIOL
5 non-polymer 'ACETATE ION'
6 water water
#
_entity_poly.entity_id   1
_entity_poly.type   'polypeptide(L)'
_entity_poly.pdbx_seq_one_letter_code
;MAGGAFVSEGGGGGRSYEGGVTAFVIMTCIVAAMGGLLFGYDLGISGGVTSMEEFLTKFFPQVESQMKKAKHDTAYCKFD
NQMLQLFTSSLYLAALVASFMASVITRKHGRKVSMFIGGLAFLIGALFNAFAVNVSMLIIGRLLLGVGVGFANQSTPVYL
SEMAPAKIRGALNIGFQMAITIGILVANLINYGTSKMAQHGWRVSLGLAAVPAVVMVIGSFILPDTPNSMLERGKNEEAK
QMLKKIRGADNVDHEFQDLIDAVEAAKKVENPWKNIMESKYRPALIFCSAIPFFQQITGINVIMFYAPVLFKTLGFGDDA
ALMSAVITGVVNMLSTFVSIYAVDRYGRRLLFLEGGIQMFICQLLVGSFIGARFGTSGTGTLTPATADWILAFICVYVAG
FAWSWGPLGWLVPSEICPLEIRPAGQAINVSVNMFFTFLIGQFFLTMLCHMKFGLFYFFASMVAIMTVFIYFLLPETKGV
PIEEMGRVWKQHWFWKKYIPEDAIIGGHDDNNTN
;
_entity_poly.pdbx_strand_id   A
#
# COMPACT_ATOMS: atom_id res chain seq x y z
N VAL A 21 20.22 9.54 14.95
CA VAL A 21 19.70 8.18 14.91
C VAL A 21 19.89 7.48 16.24
N THR A 22 18.81 7.07 16.87
CA THR A 22 18.84 6.40 18.17
C THR A 22 18.16 5.04 18.08
N ALA A 23 18.42 4.21 19.08
CA ALA A 23 17.71 2.94 19.18
C ALA A 23 16.23 3.17 19.47
N PHE A 24 15.90 4.24 20.20
CA PHE A 24 14.51 4.53 20.51
C PHE A 24 13.71 4.87 19.26
N VAL A 25 14.27 5.67 18.36
CA VAL A 25 13.51 6.08 17.18
C VAL A 25 13.36 4.90 16.22
N ILE A 26 14.35 4.00 16.16
CA ILE A 26 14.24 2.85 15.26
C ILE A 26 13.18 1.89 15.76
N MET A 27 13.19 1.60 17.08
CA MET A 27 12.15 0.76 17.65
C MET A 27 10.77 1.40 17.51
N THR A 28 10.69 2.72 17.72
CA THR A 28 9.44 3.44 17.52
C THR A 28 8.91 3.25 16.10
N CYS A 29 9.80 3.36 15.10
CA CYS A 29 9.37 3.28 13.72
C CYS A 29 9.05 1.84 13.30
N ILE A 30 9.75 0.86 13.86
CA ILE A 30 9.44 -0.53 13.56
C ILE A 30 8.05 -0.88 14.08
N VAL A 31 7.74 -0.47 15.32
CA VAL A 31 6.43 -0.76 15.89
C VAL A 31 5.33 -0.06 15.10
N ALA A 32 5.55 1.22 14.77
CA ALA A 32 4.56 1.94 13.99
C ALA A 32 4.37 1.32 12.61
N ALA A 33 5.46 0.90 11.97
CA ALA A 33 5.36 0.32 10.63
C ALA A 33 4.51 -0.95 10.62
N MET A 34 4.35 -1.62 11.76
CA MET A 34 3.53 -2.82 11.77
C MET A 34 2.06 -2.55 11.47
N GLY A 35 1.64 -1.28 11.43
CA GLY A 35 0.34 -0.95 10.88
C GLY A 35 0.14 -1.37 9.43
N GLY A 36 1.22 -1.50 8.65
CA GLY A 36 1.08 -2.03 7.30
C GLY A 36 0.72 -3.51 7.23
N LEU A 37 0.90 -4.25 8.33
CA LEU A 37 0.51 -5.66 8.34
C LEU A 37 -0.98 -5.82 8.11
N LEU A 38 -1.79 -4.83 8.49
CA LEU A 38 -3.23 -4.95 8.39
C LEU A 38 -3.68 -5.04 6.93
N PHE A 39 -3.38 -3.99 6.15
CA PHE A 39 -3.68 -3.98 4.73
C PHE A 39 -3.03 -5.16 4.02
N GLY A 40 -1.79 -5.48 4.36
CA GLY A 40 -1.10 -6.57 3.67
C GLY A 40 -1.74 -7.92 3.96
N TYR A 41 -2.11 -8.15 5.23
CA TYR A 41 -2.83 -9.38 5.57
C TYR A 41 -4.09 -9.51 4.73
N ASP A 42 -4.86 -8.43 4.63
CA ASP A 42 -6.10 -8.51 3.89
C ASP A 42 -5.86 -8.78 2.41
N LEU A 43 -4.84 -8.13 1.83
CA LEU A 43 -4.52 -8.35 0.42
C LEU A 43 -4.13 -9.79 0.16
N GLY A 44 -3.45 -10.42 1.12
CA GLY A 44 -2.94 -11.76 0.90
C GLY A 44 -3.92 -12.87 1.30
N ILE A 45 -4.87 -12.57 2.19
CA ILE A 45 -5.75 -13.62 2.68
C ILE A 45 -6.95 -13.85 1.78
N SER A 46 -7.40 -12.83 1.04
CA SER A 46 -8.72 -12.87 0.42
C SER A 46 -8.80 -13.91 -0.69
N GLY A 47 -7.77 -13.97 -1.54
CA GLY A 47 -7.79 -14.93 -2.63
C GLY A 47 -8.01 -16.35 -2.16
N GLY A 48 -7.19 -16.79 -1.20
CA GLY A 48 -7.31 -18.15 -0.69
C GLY A 48 -8.62 -18.42 0.03
N VAL A 49 -9.17 -17.41 0.71
CA VAL A 49 -10.44 -17.63 1.43
C VAL A 49 -11.59 -17.81 0.44
N THR A 50 -11.61 -17.00 -0.63
CA THR A 50 -12.68 -17.15 -1.62
C THR A 50 -12.62 -18.51 -2.31
N SER A 51 -11.47 -19.16 -2.34
CA SER A 51 -11.41 -20.46 -2.99
C SER A 51 -11.84 -21.60 -2.08
N MET A 52 -12.08 -21.35 -0.79
CA MET A 52 -12.51 -22.41 0.12
C MET A 52 -13.99 -22.69 -0.10
N GLU A 53 -14.32 -23.93 -0.46
CA GLU A 53 -15.72 -24.23 -0.80
C GLU A 53 -16.63 -24.14 0.42
N GLU A 54 -16.09 -24.33 1.63
CA GLU A 54 -16.92 -24.16 2.82
C GLU A 54 -17.34 -22.70 2.99
N PHE A 55 -16.43 -21.77 2.71
CA PHE A 55 -16.75 -20.35 2.73
C PHE A 55 -17.81 -20.01 1.68
N LEU A 56 -17.59 -20.44 0.43
CA LEU A 56 -18.55 -20.21 -0.64
C LEU A 56 -19.91 -20.81 -0.32
N THR A 57 -19.94 -22.05 0.17
CA THR A 57 -21.22 -22.70 0.45
C THR A 57 -22.02 -21.89 1.47
N LYS A 58 -21.35 -21.30 2.45
CA LYS A 58 -22.07 -20.59 3.50
C LYS A 58 -22.56 -19.23 3.03
N PHE A 59 -21.72 -18.46 2.35
CA PHE A 59 -22.03 -17.07 2.05
C PHE A 59 -22.37 -16.79 0.60
N PHE A 60 -21.85 -17.57 -0.36
CA PHE A 60 -22.03 -17.29 -1.78
C PHE A 60 -22.40 -18.58 -2.53
N PRO A 61 -23.60 -19.11 -2.26
CA PRO A 61 -23.96 -20.41 -2.87
C PRO A 61 -24.08 -20.36 -4.38
N GLN A 62 -24.37 -19.18 -4.95
CA GLN A 62 -24.36 -19.06 -6.40
C GLN A 62 -22.96 -19.23 -6.98
N VAL A 63 -21.93 -18.80 -6.23
CA VAL A 63 -20.55 -19.01 -6.66
C VAL A 63 -20.13 -20.46 -6.44
N GLU A 64 -20.53 -21.03 -5.29
CA GLU A 64 -20.23 -22.43 -5.01
C GLU A 64 -20.81 -23.35 -6.09
N SER A 65 -22.03 -23.07 -6.54
CA SER A 65 -22.62 -23.88 -7.62
C SER A 65 -21.76 -23.82 -8.88
N GLN A 66 -21.21 -22.65 -9.19
CA GLN A 66 -20.34 -22.51 -10.36
C GLN A 66 -18.99 -23.18 -10.18
N MET A 67 -18.53 -23.36 -8.94
CA MET A 67 -17.21 -23.91 -8.67
C MET A 67 -17.23 -25.41 -8.43
N LYS A 68 -18.42 -26.00 -8.30
CA LYS A 68 -18.51 -27.43 -8.01
C LYS A 68 -18.00 -28.22 -9.20
N LYS A 69 -16.95 -29.01 -8.98
CA LYS A 69 -16.30 -29.80 -10.02
C LYS A 69 -15.71 -28.94 -11.13
N ALA A 70 -15.49 -27.64 -10.88
CA ALA A 70 -14.83 -26.78 -11.86
C ALA A 70 -13.33 -26.82 -11.57
N LYS A 71 -12.70 -27.90 -12.02
CA LYS A 71 -11.30 -28.17 -11.70
C LYS A 71 -10.35 -27.13 -12.29
N HIS A 72 -10.75 -26.45 -13.37
CA HIS A 72 -9.88 -25.48 -14.03
C HIS A 72 -10.28 -24.03 -13.79
N ASP A 73 -11.20 -23.78 -12.84
CA ASP A 73 -11.71 -22.45 -12.57
C ASP A 73 -11.16 -21.93 -11.24
N THR A 74 -11.22 -20.61 -11.07
CA THR A 74 -10.78 -19.93 -9.86
C THR A 74 -11.93 -19.12 -9.29
N ALA A 75 -12.22 -19.32 -8.00
CA ALA A 75 -13.47 -18.83 -7.42
C ALA A 75 -13.60 -17.31 -7.50
N TYR A 76 -12.52 -16.55 -7.30
CA TYR A 76 -12.71 -15.10 -7.30
C TYR A 76 -13.04 -14.57 -8.69
N CYS A 77 -12.77 -15.36 -9.74
CA CYS A 77 -13.22 -15.04 -11.08
C CYS A 77 -14.74 -14.97 -11.18
N LYS A 78 -15.47 -15.60 -10.26
CA LYS A 78 -16.94 -15.58 -10.29
C LYS A 78 -17.52 -14.32 -9.65
N PHE A 79 -16.71 -13.47 -9.06
CA PHE A 79 -17.21 -12.25 -8.39
C PHE A 79 -17.34 -11.11 -9.40
N ASP A 80 -18.15 -11.35 -10.44
CA ASP A 80 -18.27 -10.41 -11.54
C ASP A 80 -19.71 -9.92 -11.76
N ASN A 81 -20.66 -10.24 -10.90
CA ASN A 81 -21.98 -9.64 -11.04
C ASN A 81 -22.12 -8.43 -10.11
N GLN A 82 -23.17 -7.65 -10.33
CA GLN A 82 -23.34 -6.37 -9.63
C GLN A 82 -23.30 -6.55 -8.12
N MET A 83 -23.98 -7.56 -7.59
CA MET A 83 -24.04 -7.70 -6.13
C MET A 83 -22.69 -8.11 -5.56
N LEU A 84 -21.98 -9.01 -6.24
CA LEU A 84 -20.68 -9.43 -5.73
C LEU A 84 -19.65 -8.30 -5.86
N GLN A 85 -19.74 -7.51 -6.93
CA GLN A 85 -18.88 -6.34 -7.05
C GLN A 85 -19.14 -5.35 -5.92
N LEU A 86 -20.40 -5.22 -5.52
CA LEU A 86 -20.71 -4.35 -4.39
C LEU A 86 -20.02 -4.84 -3.11
N PHE A 87 -20.08 -6.15 -2.87
CA PHE A 87 -19.41 -6.73 -1.70
C PHE A 87 -17.90 -6.47 -1.76
N THR A 88 -17.27 -6.80 -2.89
CA THR A 88 -15.84 -6.54 -3.04
C THR A 88 -15.53 -5.05 -2.85
N SER A 89 -16.34 -4.17 -3.45
CA SER A 89 -16.04 -2.74 -3.40
C SER A 89 -16.17 -2.16 -2.00
N SER A 90 -16.92 -2.80 -1.11
CA SER A 90 -17.27 -2.16 0.16
C SER A 90 -16.04 -1.87 1.00
N LEU A 91 -15.02 -2.73 0.93
CA LEU A 91 -13.81 -2.50 1.70
C LEU A 91 -13.11 -1.23 1.22
N TYR A 92 -13.01 -1.06 -0.10
CA TYR A 92 -12.29 0.08 -0.65
C TYR A 92 -13.08 1.36 -0.50
N LEU A 93 -14.40 1.28 -0.54
CA LEU A 93 -15.23 2.45 -0.33
C LEU A 93 -15.16 2.93 1.11
N ALA A 94 -15.23 1.99 2.07
CA ALA A 94 -15.08 2.35 3.48
C ALA A 94 -13.69 2.92 3.75
N ALA A 95 -12.65 2.33 3.15
CA ALA A 95 -11.30 2.84 3.30
C ALA A 95 -11.17 4.24 2.71
N LEU A 96 -11.75 4.45 1.53
CA LEU A 96 -11.67 5.76 0.88
C LEU A 96 -12.32 6.85 1.72
N VAL A 97 -13.49 6.55 2.31
CA VAL A 97 -14.18 7.53 3.16
C VAL A 97 -13.44 7.71 4.48
N ALA A 98 -13.03 6.60 5.12
CA ALA A 98 -12.34 6.70 6.40
C ALA A 98 -11.04 7.47 6.28
N SER A 99 -10.39 7.38 5.12
CA SER A 99 -9.17 8.14 4.89
C SER A 99 -9.42 9.63 5.04
N PHE A 100 -10.52 10.12 4.48
CA PHE A 100 -10.81 11.55 4.63
C PHE A 100 -11.11 11.90 6.08
N MET A 101 -11.84 11.04 6.79
CA MET A 101 -12.07 11.29 8.22
C MET A 101 -10.75 11.29 8.99
N ALA A 102 -9.84 10.39 8.63
CA ALA A 102 -8.56 10.29 9.31
C ALA A 102 -7.72 11.55 9.14
N SER A 103 -7.86 12.27 8.01
CA SER A 103 -7.08 13.49 7.83
C SER A 103 -7.44 14.52 8.90
N VAL A 104 -8.72 14.60 9.27
CA VAL A 104 -9.15 15.55 10.29
C VAL A 104 -8.65 15.13 11.66
N ILE A 105 -8.83 13.84 11.98
CA ILE A 105 -8.43 13.33 13.30
C ILE A 105 -6.92 13.38 13.47
N THR A 106 -6.18 12.98 12.42
CA THR A 106 -4.72 13.00 12.48
C THR A 106 -4.19 14.39 12.77
N ARG A 107 -4.78 15.42 12.17
CA ARG A 107 -4.31 16.78 12.43
C ARG A 107 -4.77 17.28 13.80
N LYS A 108 -6.06 17.09 14.11
CA LYS A 108 -6.64 17.71 15.29
C LYS A 108 -6.20 17.01 16.58
N HIS A 109 -6.05 15.69 16.54
CA HIS A 109 -5.75 14.93 17.75
C HIS A 109 -4.40 14.21 17.72
N GLY A 110 -3.81 13.99 16.55
CA GLY A 110 -2.49 13.38 16.49
C GLY A 110 -2.45 12.16 15.59
N ARG A 111 -1.26 11.82 15.09
CA ARG A 111 -1.12 10.69 14.18
C ARG A 111 -1.44 9.38 14.90
N LYS A 112 -1.06 9.31 16.19
CA LYS A 112 -1.26 8.12 17.01
C LYS A 112 -2.74 7.79 17.19
N VAL A 113 -3.58 8.82 17.28
CA VAL A 113 -5.01 8.57 17.48
C VAL A 113 -5.62 7.90 16.26
N SER A 114 -5.25 8.35 15.06
CA SER A 114 -5.73 7.68 13.84
C SER A 114 -5.18 6.26 13.73
N MET A 115 -3.93 6.05 14.15
CA MET A 115 -3.38 4.69 14.13
C MET A 115 -4.15 3.80 15.09
N PHE A 116 -4.53 4.34 16.25
CA PHE A 116 -5.37 3.60 17.20
C PHE A 116 -6.72 3.24 16.58
N ILE A 117 -7.41 4.22 16.00
CA ILE A 117 -8.69 3.97 15.38
C ILE A 117 -8.58 2.93 14.27
N GLY A 118 -7.50 3.00 13.48
CA GLY A 118 -7.33 2.03 12.41
C GLY A 118 -7.19 0.61 12.92
N GLY A 119 -6.35 0.43 13.96
CA GLY A 119 -6.18 -0.89 14.53
C GLY A 119 -7.47 -1.41 15.15
N LEU A 120 -8.23 -0.52 15.79
CA LEU A 120 -9.43 -0.96 16.52
C LEU A 120 -10.54 -1.34 15.55
N ALA A 121 -10.76 -0.55 14.49
CA ALA A 121 -11.77 -0.91 13.49
C ALA A 121 -11.42 -2.23 12.80
N PHE A 122 -10.14 -2.41 12.47
CA PHE A 122 -9.69 -3.64 11.81
C PHE A 122 -9.87 -4.83 12.74
N LEU A 123 -9.56 -4.64 14.02
CA LEU A 123 -9.73 -5.68 15.01
C LEU A 123 -11.18 -6.13 15.11
N ILE A 124 -12.10 -5.17 15.22
CA ILE A 124 -13.52 -5.53 15.35
C ILE A 124 -14.02 -6.16 14.06
N GLY A 125 -13.58 -5.65 12.91
CA GLY A 125 -13.92 -6.26 11.64
C GLY A 125 -13.47 -7.70 11.53
N ALA A 126 -12.24 -7.99 11.96
CA ALA A 126 -11.73 -9.36 11.91
C ALA A 126 -12.61 -10.30 12.73
N LEU A 127 -13.12 -9.82 13.87
CA LEU A 127 -13.94 -10.68 14.71
C LEU A 127 -15.31 -10.91 14.10
N PHE A 128 -15.91 -9.86 13.54
CA PHE A 128 -17.18 -10.04 12.83
C PHE A 128 -17.02 -11.08 11.71
N ASN A 129 -15.89 -11.04 10.99
CA ASN A 129 -15.63 -11.99 9.92
C ASN A 129 -15.47 -13.41 10.46
N ALA A 130 -14.56 -13.59 11.43
CA ALA A 130 -14.23 -14.92 11.91
C ALA A 130 -15.45 -15.61 12.51
N PHE A 131 -16.33 -14.86 13.17
CA PHE A 131 -17.50 -15.42 13.82
C PHE A 131 -18.78 -15.10 13.05
N ALA A 132 -18.65 -14.75 11.76
CA ALA A 132 -19.81 -14.49 10.92
C ALA A 132 -20.70 -15.71 10.83
N VAL A 133 -22.00 -15.50 11.06
CA VAL A 133 -23.00 -16.54 10.85
C VAL A 133 -23.90 -16.26 9.64
N ASN A 134 -23.80 -15.08 9.05
CA ASN A 134 -24.54 -14.75 7.83
C ASN A 134 -23.73 -13.71 7.06
N VAL A 135 -24.18 -13.41 5.84
CA VAL A 135 -23.45 -12.47 5.01
C VAL A 135 -23.57 -11.04 5.55
N SER A 136 -24.59 -10.76 6.37
CA SER A 136 -24.67 -9.45 7.01
C SER A 136 -23.45 -9.19 7.87
N MET A 137 -23.03 -10.19 8.66
CA MET A 137 -21.85 -10.04 9.49
C MET A 137 -20.58 -9.92 8.66
N LEU A 138 -20.52 -10.63 7.52
CA LEU A 138 -19.36 -10.47 6.63
C LEU A 138 -19.31 -9.06 6.06
N ILE A 139 -20.46 -8.48 5.76
CA ILE A 139 -20.47 -7.13 5.20
C ILE A 139 -20.04 -6.12 6.25
N ILE A 140 -20.57 -6.24 7.47
CA ILE A 140 -20.12 -5.38 8.56
C ILE A 140 -18.62 -5.53 8.78
N GLY A 141 -18.14 -6.77 8.82
CA GLY A 141 -16.73 -6.99 9.08
C GLY A 141 -15.84 -6.40 7.99
N ARG A 142 -16.25 -6.56 6.73
CA ARG A 142 -15.49 -6.03 5.60
C ARG A 142 -15.46 -4.51 5.61
N LEU A 143 -16.61 -3.88 5.92
CA LEU A 143 -16.63 -2.43 6.05
C LEU A 143 -15.68 -1.97 7.15
N LEU A 144 -15.66 -2.68 8.29
CA LEU A 144 -14.78 -2.30 9.38
C LEU A 144 -13.31 -2.52 9.02
N LEU A 145 -12.99 -3.60 8.31
CA LEU A 145 -11.63 -3.73 7.79
C LEU A 145 -11.27 -2.52 6.96
N GLY A 146 -12.19 -2.09 6.07
CA GLY A 146 -11.92 -0.93 5.23
C GLY A 146 -11.67 0.31 6.04
N VAL A 147 -12.51 0.56 7.06
CA VAL A 147 -12.26 1.69 7.96
C VAL A 147 -10.87 1.57 8.56
N GLY A 148 -10.50 0.37 8.98
CA GLY A 148 -9.19 0.18 9.58
C GLY A 148 -8.05 0.53 8.63
N VAL A 149 -8.15 0.05 7.37
CA VAL A 149 -7.12 0.34 6.37
C VAL A 149 -7.06 1.83 6.06
N GLY A 150 -8.23 2.47 5.92
CA GLY A 150 -8.25 3.90 5.66
C GLY A 150 -7.53 4.70 6.74
N PHE A 151 -7.81 4.40 8.00
CA PHE A 151 -7.14 5.13 9.08
C PHE A 151 -5.67 4.75 9.17
N ALA A 152 -5.35 3.45 9.11
CA ALA A 152 -3.98 3.00 9.25
C ALA A 152 -3.09 3.49 8.12
N ASN A 153 -3.60 3.44 6.88
CA ASN A 153 -2.78 3.86 5.74
C ASN A 153 -2.67 5.37 5.62
N GLN A 154 -3.68 6.11 6.10
CA GLN A 154 -3.60 7.57 6.07
C GLN A 154 -2.56 8.07 7.07
N SER A 155 -2.50 7.48 8.26
CA SER A 155 -1.76 8.06 9.37
C SER A 155 -0.35 7.51 9.52
N THR A 156 -0.16 6.21 9.32
CA THR A 156 1.15 5.61 9.58
C THR A 156 2.27 6.18 8.71
N PRO A 157 2.09 6.41 7.40
CA PRO A 157 3.20 7.01 6.64
C PRO A 157 3.54 8.41 7.10
N VAL A 158 2.55 9.20 7.53
CA VAL A 158 2.84 10.52 8.10
C VAL A 158 3.67 10.36 9.38
N TYR A 159 3.26 9.43 10.24
CA TYR A 159 3.97 9.16 11.49
C TYR A 159 5.44 8.86 11.22
N LEU A 160 5.72 7.91 10.32
CA LEU A 160 7.08 7.48 10.05
C LEU A 160 7.90 8.62 9.45
N SER A 161 7.32 9.35 8.49
CA SER A 161 8.10 10.37 7.80
C SER A 161 8.42 11.55 8.71
N GLU A 162 7.57 11.82 9.71
CA GLU A 162 7.89 12.89 10.66
C GLU A 162 8.82 12.41 11.75
N MET A 163 8.64 11.17 12.22
CA MET A 163 9.46 10.67 13.33
C MET A 163 10.89 10.39 12.90
N ALA A 164 11.08 9.90 11.68
CA ALA A 164 12.40 9.44 11.23
C ALA A 164 13.38 10.60 11.16
N PRO A 165 14.65 10.35 11.50
CA PRO A 165 15.70 11.33 11.14
C PRO A 165 15.71 11.49 9.64
N ALA A 166 15.92 12.73 9.18
CA ALA A 166 15.86 13.02 7.74
C ALA A 166 16.77 12.10 6.93
N LYS A 167 17.97 11.78 7.46
CA LYS A 167 18.95 11.02 6.70
C LYS A 167 18.45 9.62 6.34
N ILE A 168 17.61 9.02 7.17
CA ILE A 168 17.13 7.66 6.92
C ILE A 168 15.60 7.59 6.86
N ARG A 169 14.94 8.71 6.55
CA ARG A 169 13.48 8.70 6.50
C ARG A 169 12.97 7.68 5.49
N GLY A 170 13.60 7.60 4.32
CA GLY A 170 13.15 6.65 3.32
C GLY A 170 13.12 5.22 3.86
N ALA A 171 14.24 4.78 4.45
CA ALA A 171 14.34 3.41 4.95
C ALA A 171 13.31 3.14 6.04
N LEU A 172 13.11 4.08 6.97
CA LEU A 172 12.19 3.83 8.07
C LEU A 172 10.73 3.90 7.61
N ASN A 173 10.41 4.84 6.73
CA ASN A 173 9.05 4.88 6.19
C ASN A 173 8.72 3.60 5.44
N ILE A 174 9.68 3.08 4.66
CA ILE A 174 9.43 1.87 3.89
C ILE A 174 9.23 0.65 4.77
N GLY A 175 9.53 0.73 6.07
CA GLY A 175 9.08 -0.31 6.98
C GLY A 175 7.59 -0.57 6.86
N PHE A 176 6.81 0.47 6.55
CA PHE A 176 5.37 0.31 6.37
C PHE A 176 5.08 -0.59 5.18
N GLN A 177 5.77 -0.35 4.07
CA GLN A 177 5.62 -1.20 2.89
C GLN A 177 6.14 -2.61 3.15
N MET A 178 7.27 -2.73 3.86
CA MET A 178 7.75 -4.05 4.23
C MET A 178 6.69 -4.82 4.99
N ALA A 179 6.03 -4.16 5.96
CA ALA A 179 4.95 -4.80 6.70
C ALA A 179 3.81 -5.23 5.78
N ILE A 180 3.48 -4.41 4.78
CA ILE A 180 2.47 -4.85 3.80
C ILE A 180 2.89 -6.16 3.14
N THR A 181 4.15 -6.25 2.70
CA THR A 181 4.57 -7.46 2.00
C THR A 181 4.68 -8.64 2.97
N ILE A 182 5.03 -8.38 4.22
CA ILE A 182 5.06 -9.46 5.19
C ILE A 182 3.64 -9.97 5.43
N GLY A 183 2.67 -9.06 5.52
CA GLY A 183 1.29 -9.49 5.69
C GLY A 183 0.78 -10.31 4.52
N ILE A 184 1.12 -9.89 3.29
CA ILE A 184 0.69 -10.64 2.12
C ILE A 184 1.24 -12.06 2.19
N LEU A 185 2.54 -12.18 2.45
CA LEU A 185 3.17 -13.50 2.47
C LEU A 185 2.61 -14.35 3.60
N VAL A 186 2.59 -13.81 4.82
CA VAL A 186 2.09 -14.56 5.97
C VAL A 186 0.66 -15.04 5.71
N ALA A 187 -0.19 -14.15 5.19
CA ALA A 187 -1.57 -14.53 4.94
C ALA A 187 -1.66 -15.67 3.95
N ASN A 188 -0.83 -15.66 2.89
CA ASN A 188 -0.86 -16.78 1.95
C ASN A 188 -0.43 -18.08 2.63
N LEU A 189 0.55 -18.00 3.51
CA LEU A 189 0.97 -19.20 4.24
C LEU A 189 -0.11 -19.69 5.19
N ILE A 190 -0.84 -18.76 5.82
CA ILE A 190 -1.95 -19.15 6.69
C ILE A 190 -3.02 -19.88 5.90
N ASN A 191 -3.37 -19.36 4.72
CA ASN A 191 -4.34 -20.07 3.88
C ASN A 191 -3.82 -21.44 3.46
N TYR A 192 -2.50 -21.58 3.25
CA TYR A 192 -1.96 -22.91 3.00
C TYR A 192 -2.30 -23.86 4.15
N GLY A 193 -2.17 -23.37 5.38
CA GLY A 193 -2.47 -24.22 6.53
C GLY A 193 -3.95 -24.47 6.71
N THR A 194 -4.75 -23.41 6.72
CA THR A 194 -6.18 -23.58 7.02
C THR A 194 -6.92 -24.29 5.91
N SER A 195 -6.36 -24.31 4.69
CA SER A 195 -6.94 -25.13 3.63
C SER A 195 -6.92 -26.61 3.94
N LYS A 196 -6.14 -27.03 4.94
CA LYS A 196 -6.03 -28.44 5.28
C LYS A 196 -6.90 -28.84 6.47
N MET A 197 -7.52 -27.88 7.15
CA MET A 197 -8.39 -28.19 8.27
C MET A 197 -9.66 -28.86 7.78
N ALA A 198 -10.18 -29.79 8.59
CA ALA A 198 -11.40 -30.49 8.20
C ALA A 198 -12.57 -29.53 8.10
N GLN A 199 -12.65 -28.55 9.00
CA GLN A 199 -13.75 -27.62 9.05
C GLN A 199 -13.24 -26.27 9.55
N HIS A 200 -13.96 -25.21 9.16
CA HIS A 200 -13.83 -23.86 9.73
C HIS A 200 -12.52 -23.17 9.39
N GLY A 201 -11.80 -23.68 8.38
CA GLY A 201 -10.52 -23.08 8.03
C GLY A 201 -10.63 -21.60 7.71
N TRP A 202 -11.72 -21.20 7.03
CA TRP A 202 -11.85 -19.79 6.65
C TRP A 202 -12.03 -18.90 7.87
N ARG A 203 -12.62 -19.43 8.95
CA ARG A 203 -12.76 -18.66 10.19
C ARG A 203 -11.40 -18.36 10.80
N VAL A 204 -10.49 -19.34 10.75
CA VAL A 204 -9.13 -19.11 11.25
C VAL A 204 -8.39 -18.11 10.38
N SER A 205 -8.51 -18.23 9.04
CA SER A 205 -7.83 -17.29 8.15
C SER A 205 -8.30 -15.86 8.38
N LEU A 206 -9.61 -15.66 8.46
CA LEU A 206 -10.12 -14.30 8.61
C LEU A 206 -9.92 -13.80 10.05
N GLY A 207 -9.98 -14.69 11.03
CA GLY A 207 -9.85 -14.28 12.43
C GLY A 207 -8.43 -13.95 12.85
N LEU A 208 -7.43 -14.60 12.24
CA LEU A 208 -6.05 -14.27 12.57
C LEU A 208 -5.66 -12.86 12.15
N ALA A 209 -6.47 -12.20 11.32
CA ALA A 209 -6.23 -10.79 11.05
C ALA A 209 -6.29 -9.95 12.32
N ALA A 210 -6.97 -10.45 13.36
CA ALA A 210 -7.06 -9.73 14.62
C ALA A 210 -5.70 -9.60 15.30
N VAL A 211 -4.78 -10.50 15.01
CA VAL A 211 -3.51 -10.54 15.73
C VAL A 211 -2.69 -9.29 15.44
N PRO A 212 -2.38 -8.93 14.18
CA PRO A 212 -1.67 -7.66 13.97
C PRO A 212 -2.49 -6.43 14.35
N ALA A 213 -3.82 -6.54 14.33
CA ALA A 213 -4.63 -5.41 14.78
C ALA A 213 -4.45 -5.16 16.28
N VAL A 214 -4.44 -6.22 17.10
CA VAL A 214 -4.20 -6.02 18.52
C VAL A 214 -2.83 -5.40 18.74
N VAL A 215 -1.83 -5.89 18.01
CA VAL A 215 -0.48 -5.31 18.10
C VAL A 215 -0.52 -3.82 17.80
N MET A 216 -1.23 -3.43 16.74
CA MET A 216 -1.28 -2.02 16.37
C MET A 216 -2.00 -1.18 17.42
N VAL A 217 -3.06 -1.70 18.03
CA VAL A 217 -3.77 -0.93 19.05
C VAL A 217 -2.86 -0.71 20.25
N ILE A 218 -2.22 -1.77 20.74
CA ILE A 218 -1.36 -1.63 21.91
C ILE A 218 -0.16 -0.74 21.57
N GLY A 219 0.39 -0.90 20.36
CA GLY A 219 1.42 0.02 19.90
C GLY A 219 1.00 1.46 19.96
N SER A 220 -0.23 1.76 19.52
CA SER A 220 -0.71 3.14 19.55
C SER A 220 -0.82 3.69 20.97
N PHE A 221 -0.95 2.82 22.00
CA PHE A 221 -0.93 3.30 23.39
C PHE A 221 0.47 3.71 23.79
N ILE A 222 1.47 2.94 23.38
CA ILE A 222 2.81 3.05 23.93
C ILE A 222 3.70 3.99 23.13
N LEU A 223 3.41 4.15 21.84
CA LEU A 223 4.22 5.01 20.99
C LEU A 223 4.04 6.47 21.40
N PRO A 224 5.04 7.31 21.17
CA PRO A 224 4.84 8.75 21.32
C PRO A 224 4.24 9.30 20.04
N ASP A 225 3.61 10.48 20.12
CA ASP A 225 3.24 11.06 18.85
C ASP A 225 4.41 11.86 18.30
N THR A 226 4.27 12.37 17.11
CA THR A 226 5.39 13.04 16.47
C THR A 226 5.56 14.44 17.06
N PRO A 227 6.80 14.91 17.22
CA PRO A 227 7.00 16.29 17.68
C PRO A 227 6.33 17.30 16.78
N ASN A 228 6.27 17.03 15.47
CA ASN A 228 5.64 17.97 14.53
C ASN A 228 4.17 18.18 14.89
N SER A 229 3.44 17.10 15.12
CA SER A 229 2.03 17.22 15.49
C SER A 229 1.87 17.74 16.92
N MET A 230 2.73 17.31 17.84
CA MET A 230 2.63 17.83 19.21
C MET A 230 2.73 19.34 19.22
N LEU A 231 3.68 19.90 18.46
CA LEU A 231 3.87 21.34 18.43
C LEU A 231 2.71 22.04 17.74
N GLU A 232 2.21 21.46 16.65
CA GLU A 232 1.08 22.04 15.94
C GLU A 232 -0.16 22.08 16.82
N ARG A 233 -0.31 21.11 17.72
CA ARG A 233 -1.43 21.05 18.64
C ARG A 233 -1.15 21.80 19.94
N GLY A 234 -0.06 22.56 20.00
CA GLY A 234 0.19 23.44 21.12
C GLY A 234 0.93 22.84 22.29
N LYS A 235 1.49 21.64 22.15
CA LYS A 235 2.27 21.02 23.23
C LYS A 235 3.74 21.35 23.06
N ASN A 236 4.07 22.62 23.35
CA ASN A 236 5.38 23.17 22.99
C ASN A 236 6.52 22.45 23.71
N GLU A 237 6.45 22.38 25.04
CA GLU A 237 7.55 21.76 25.78
C GLU A 237 7.56 20.25 25.59
N GLU A 238 6.41 19.62 25.45
CA GLU A 238 6.39 18.19 25.18
C GLU A 238 7.02 17.89 23.83
N ALA A 239 6.76 18.73 22.83
CA ALA A 239 7.32 18.49 21.50
C ALA A 239 8.84 18.63 21.51
N LYS A 240 9.37 19.64 22.22
CA LYS A 240 10.82 19.80 22.24
C LYS A 240 11.48 18.63 22.97
N GLN A 241 10.93 18.24 24.12
CA GLN A 241 11.51 17.11 24.85
C GLN A 241 11.42 15.82 24.03
N MET A 242 10.32 15.64 23.31
CA MET A 242 10.21 14.47 22.45
C MET A 242 11.26 14.48 21.35
N LEU A 243 11.47 15.64 20.70
CA LEU A 243 12.50 15.69 19.65
C LEU A 243 13.86 15.37 20.22
N LYS A 244 14.17 15.87 21.42
CA LYS A 244 15.45 15.55 22.05
C LYS A 244 15.56 14.05 22.30
N LYS A 245 14.46 13.39 22.67
CA LYS A 245 14.50 11.96 22.96
C LYS A 245 14.74 11.15 21.69
N ILE A 246 14.01 11.44 20.60
CA ILE A 246 14.17 10.61 19.41
C ILE A 246 15.48 10.92 18.68
N ARG A 247 15.98 12.15 18.80
CA ARG A 247 17.27 12.47 18.20
C ARG A 247 18.44 12.18 19.14
N GLY A 248 18.16 11.90 20.41
CA GLY A 248 19.19 11.54 21.37
C GLY A 248 20.19 12.64 21.63
N ALA A 249 19.78 13.90 21.50
CA ALA A 249 20.68 15.03 21.69
C ALA A 249 20.02 16.09 22.56
N ASP A 250 20.83 16.76 23.37
CA ASP A 250 20.31 17.88 24.15
C ASP A 250 20.09 19.12 23.31
N ASN A 251 20.85 19.27 22.22
CA ASN A 251 20.70 20.41 21.33
C ASN A 251 20.00 19.95 20.06
N VAL A 252 18.73 20.28 19.95
CA VAL A 252 17.94 20.06 18.74
C VAL A 252 17.46 21.39 18.15
N ASP A 253 18.16 22.49 18.47
CA ASP A 253 17.65 23.81 18.16
C ASP A 253 17.42 24.01 16.66
N HIS A 254 18.34 23.55 15.82
CA HIS A 254 18.17 23.77 14.40
C HIS A 254 16.93 23.04 13.88
N GLU A 255 16.80 21.76 14.21
CA GLU A 255 15.64 21.01 13.74
C GLU A 255 14.35 21.48 14.43
N PHE A 256 14.42 21.89 15.69
CA PHE A 256 13.21 22.38 16.34
C PHE A 256 12.77 23.72 15.75
N GLN A 257 13.71 24.54 15.29
CA GLN A 257 13.34 25.76 14.58
C GLN A 257 12.56 25.46 13.31
N ASP A 258 12.92 24.38 12.60
CA ASP A 258 12.11 23.91 11.48
C ASP A 258 10.67 23.67 11.91
N LEU A 259 10.49 22.95 13.03
CA LEU A 259 9.14 22.67 13.51
C LEU A 259 8.42 23.94 13.92
N ILE A 260 9.10 24.83 14.64
CA ILE A 260 8.51 26.12 15.00
C ILE A 260 8.05 26.84 13.74
N ASP A 261 8.93 26.95 12.74
CA ASP A 261 8.58 27.64 11.50
C ASP A 261 7.41 26.96 10.81
N ALA A 262 7.41 25.62 10.74
CA ALA A 262 6.32 24.91 10.08
C ALA A 262 5.00 25.15 10.78
N VAL A 263 5.01 25.19 12.11
CA VAL A 263 3.78 25.39 12.86
C VAL A 263 3.30 26.83 12.76
N GLU A 264 4.22 27.80 12.69
CA GLU A 264 3.80 29.18 12.50
C GLU A 264 3.00 29.34 11.22
N ALA A 265 3.49 28.76 10.12
CA ALA A 265 2.73 28.75 8.87
C ALA A 265 1.46 27.91 9.01
N ALA A 266 1.56 26.73 9.62
CA ALA A 266 0.43 25.81 9.66
C ALA A 266 -0.73 26.37 10.48
N LYS A 267 -0.43 27.07 11.59
CA LYS A 267 -1.51 27.60 12.43
C LYS A 267 -2.39 28.60 11.68
N LYS A 268 -1.90 29.15 10.56
CA LYS A 268 -2.70 30.06 9.76
C LYS A 268 -3.82 29.36 9.00
N VAL A 269 -3.75 28.03 8.89
CA VAL A 269 -4.63 27.27 8.01
C VAL A 269 -5.58 26.46 8.89
N GLU A 270 -6.81 26.95 9.03
CA GLU A 270 -7.80 26.22 9.83
C GLU A 270 -8.36 25.01 9.08
N ASN A 271 -8.64 25.16 7.79
CA ASN A 271 -9.19 24.06 6.99
C ASN A 271 -8.26 23.76 5.83
N PRO A 272 -7.45 22.71 5.93
CA PRO A 272 -6.54 22.40 4.82
C PRO A 272 -7.28 22.06 3.54
N TRP A 273 -8.48 21.49 3.64
CA TRP A 273 -9.20 21.11 2.43
C TRP A 273 -9.62 22.34 1.63
N LYS A 274 -9.82 23.47 2.29
CA LYS A 274 -10.18 24.70 1.62
C LYS A 274 -8.97 25.51 1.16
N ASN A 275 -7.76 25.07 1.49
CA ASN A 275 -6.53 25.73 1.06
C ASN A 275 -5.66 24.88 0.15
N ILE A 276 -5.93 23.58 0.04
CA ILE A 276 -5.03 22.69 -0.71
C ILE A 276 -5.04 22.99 -2.20
N MET A 277 -6.03 23.73 -2.69
CA MET A 277 -6.08 24.15 -4.08
C MET A 277 -5.21 25.36 -4.39
N GLU A 278 -4.56 25.95 -3.38
CA GLU A 278 -3.74 27.12 -3.62
C GLU A 278 -2.46 26.76 -4.36
N SER A 279 -1.95 27.73 -5.12
CA SER A 279 -0.80 27.50 -6.02
C SER A 279 0.38 26.92 -5.27
N LYS A 280 0.65 27.41 -4.06
CA LYS A 280 1.86 27.00 -3.35
C LYS A 280 1.84 25.55 -2.92
N TYR A 281 0.68 24.87 -2.98
CA TYR A 281 0.59 23.44 -2.71
C TYR A 281 0.47 22.60 -3.97
N ARG A 282 0.53 23.21 -5.16
CA ARG A 282 0.18 22.47 -6.37
C ARG A 282 1.11 21.29 -6.64
N PRO A 283 2.45 21.39 -6.52
CA PRO A 283 3.27 20.20 -6.73
C PRO A 283 2.89 19.03 -5.82
N ALA A 284 2.70 19.31 -4.53
CA ALA A 284 2.28 18.26 -3.61
C ALA A 284 0.94 17.68 -4.01
N LEU A 285 -0.02 18.53 -4.38
CA LEU A 285 -1.35 18.04 -4.71
C LEU A 285 -1.32 17.13 -5.93
N ILE A 286 -0.56 17.52 -6.96
CA ILE A 286 -0.46 16.71 -8.17
C ILE A 286 0.10 15.33 -7.85
N PHE A 287 1.17 15.29 -7.07
CA PHE A 287 1.81 14.01 -6.80
C PHE A 287 0.99 13.15 -5.84
N CYS A 288 0.34 13.76 -4.84
CA CYS A 288 -0.54 12.98 -3.95
C CYS A 288 -1.69 12.36 -4.72
N SER A 289 -2.10 13.00 -5.82
CA SER A 289 -3.15 12.47 -6.67
C SER A 289 -2.61 11.48 -7.70
N ALA A 290 -1.44 11.76 -8.29
CA ALA A 290 -0.99 10.96 -9.43
C ALA A 290 -0.29 9.69 -9.00
N ILE A 291 0.50 9.76 -7.92
CA ILE A 291 1.25 8.58 -7.47
C ILE A 291 0.37 7.39 -7.15
N PRO A 292 -0.75 7.53 -6.43
CA PRO A 292 -1.58 6.34 -6.17
C PRO A 292 -2.24 5.79 -7.42
N PHE A 293 -2.71 6.67 -8.32
CA PHE A 293 -3.22 6.20 -9.61
C PHE A 293 -2.15 5.41 -10.35
N PHE A 294 -0.94 5.99 -10.48
CA PHE A 294 0.15 5.30 -11.17
C PHE A 294 0.51 3.99 -10.48
N GLN A 295 0.52 3.97 -9.13
CA GLN A 295 0.91 2.75 -8.43
C GLN A 295 0.00 1.58 -8.81
N GLN A 296 -1.30 1.84 -8.93
CA GLN A 296 -2.24 0.78 -9.26
C GLN A 296 -2.23 0.44 -10.75
N ILE A 297 -2.03 1.44 -11.61
CA ILE A 297 -2.05 1.18 -13.05
C ILE A 297 -0.74 0.59 -13.56
N THR A 298 0.22 0.32 -12.67
CA THR A 298 1.27 -0.65 -12.98
C THR A 298 0.69 -2.01 -13.31
N GLY A 299 -0.53 -2.31 -12.86
CA GLY A 299 -1.14 -3.62 -12.97
C GLY A 299 -0.79 -4.59 -11.87
N ILE A 300 -0.14 -4.12 -10.80
CA ILE A 300 0.43 -5.00 -9.78
C ILE A 300 -0.61 -6.00 -9.23
N ASN A 301 -1.81 -5.51 -8.88
CA ASN A 301 -2.77 -6.40 -8.25
C ASN A 301 -3.53 -7.26 -9.24
N VAL A 302 -3.39 -6.99 -10.53
CA VAL A 302 -3.86 -7.89 -11.57
C VAL A 302 -2.80 -8.95 -11.88
N ILE A 303 -1.58 -8.49 -12.18
CA ILE A 303 -0.50 -9.37 -12.59
C ILE A 303 -0.12 -10.34 -11.47
N MET A 304 -0.28 -9.94 -10.20
CA MET A 304 0.10 -10.85 -9.12
C MET A 304 -0.77 -12.09 -9.05
N PHE A 305 -1.90 -12.11 -9.77
CA PHE A 305 -2.75 -13.29 -9.81
C PHE A 305 -2.75 -14.00 -11.15
N TYR A 306 -1.93 -13.53 -12.10
CA TYR A 306 -1.93 -14.13 -13.43
C TYR A 306 -1.44 -15.58 -13.38
N ALA A 307 -0.32 -15.82 -12.71
CA ALA A 307 0.23 -17.17 -12.62
C ALA A 307 -0.67 -18.09 -11.79
N PRO A 308 -1.20 -17.66 -10.62
CA PRO A 308 -2.17 -18.52 -9.91
C PRO A 308 -3.33 -18.97 -10.78
N VAL A 309 -3.93 -18.05 -11.53
CA VAL A 309 -5.00 -18.42 -12.45
C VAL A 309 -4.47 -19.36 -13.54
N LEU A 310 -3.33 -19.03 -14.13
CA LEU A 310 -2.76 -19.87 -15.19
C LEU A 310 -2.55 -21.30 -14.71
N PHE A 311 -1.96 -21.47 -13.52
CA PHE A 311 -1.70 -22.83 -13.03
C PHE A 311 -3.01 -23.60 -12.84
N LYS A 312 -4.06 -22.93 -12.38
CA LYS A 312 -5.35 -23.58 -12.23
C LYS A 312 -5.94 -23.98 -13.58
N THR A 313 -5.88 -23.09 -14.57
CA THR A 313 -6.41 -23.43 -15.89
C THR A 313 -5.67 -24.59 -16.51
N LEU A 314 -4.38 -24.75 -16.19
CA LEU A 314 -3.57 -25.83 -16.76
C LEU A 314 -3.75 -27.15 -16.04
N GLY A 315 -4.57 -27.20 -14.99
CA GLY A 315 -4.87 -28.44 -14.29
C GLY A 315 -3.96 -28.76 -13.11
N PHE A 316 -3.15 -27.81 -12.64
CA PHE A 316 -2.18 -28.11 -11.60
C PHE A 316 -2.75 -28.08 -10.19
N GLY A 317 -3.97 -27.57 -10.01
CA GLY A 317 -4.65 -27.66 -8.74
C GLY A 317 -4.50 -26.40 -7.88
N ASP A 318 -5.34 -26.34 -6.85
CA ASP A 318 -5.34 -25.18 -5.95
C ASP A 318 -4.02 -25.04 -5.19
N ASP A 319 -3.36 -26.15 -4.88
CA ASP A 319 -2.14 -26.08 -4.10
C ASP A 319 -0.99 -25.48 -4.92
N ALA A 320 -0.90 -25.86 -6.20
CA ALA A 320 0.11 -25.26 -7.07
C ALA A 320 -0.16 -23.77 -7.29
N ALA A 321 -1.43 -23.40 -7.41
CA ALA A 321 -1.77 -21.98 -7.53
C ALA A 321 -1.35 -21.21 -6.28
N LEU A 322 -1.68 -21.73 -5.10
CA LEU A 322 -1.28 -21.08 -3.86
C LEU A 322 0.25 -21.05 -3.73
N MET A 323 0.93 -22.11 -4.18
CA MET A 323 2.38 -22.14 -4.11
C MET A 323 3.00 -21.03 -4.96
N SER A 324 2.45 -20.76 -6.14
CA SER A 324 3.00 -19.67 -6.93
C SER A 324 2.76 -18.33 -6.24
N ALA A 325 1.65 -18.20 -5.50
CA ALA A 325 1.43 -16.97 -4.73
C ALA A 325 2.42 -16.85 -3.58
N VAL A 326 2.77 -17.98 -2.95
CA VAL A 326 3.78 -17.94 -1.89
C VAL A 326 5.14 -17.57 -2.47
N ILE A 327 5.50 -18.16 -3.61
CA ILE A 327 6.77 -17.82 -4.26
C ILE A 327 6.81 -16.33 -4.61
N THR A 328 5.77 -15.86 -5.30
CA THR A 328 5.68 -14.43 -5.62
C THR A 328 5.75 -13.59 -4.36
N GLY A 329 5.11 -14.06 -3.28
CA GLY A 329 5.11 -13.30 -2.03
C GLY A 329 6.48 -13.22 -1.37
N VAL A 330 7.28 -14.29 -1.48
CA VAL A 330 8.64 -14.25 -0.95
C VAL A 330 9.49 -13.25 -1.73
N VAL A 331 9.40 -13.30 -3.07
CA VAL A 331 10.15 -12.35 -3.90
C VAL A 331 9.74 -10.92 -3.57
N ASN A 332 8.43 -10.71 -3.45
CA ASN A 332 7.86 -9.40 -3.14
C ASN A 332 8.42 -8.87 -1.83
N MET A 333 8.45 -9.70 -0.78
CA MET A 333 8.97 -9.27 0.51
C MET A 333 10.48 -9.01 0.45
N LEU A 334 11.26 -9.98 0.00
CA LEU A 334 12.71 -9.83 0.00
C LEU A 334 13.17 -8.68 -0.88
N SER A 335 12.47 -8.40 -1.99
CA SER A 335 12.90 -7.32 -2.87
C SER A 335 12.74 -5.96 -2.22
N THR A 336 11.87 -5.85 -1.21
CA THR A 336 11.69 -4.59 -0.51
C THR A 336 13.00 -4.11 0.10
N PHE A 337 13.88 -5.03 0.51
CA PHE A 337 15.14 -4.66 1.11
C PHE A 337 16.02 -3.84 0.17
N VAL A 338 15.85 -3.99 -1.15
CA VAL A 338 16.64 -3.18 -2.09
C VAL A 338 16.27 -1.71 -1.93
N SER A 339 14.98 -1.41 -1.80
CA SER A 339 14.56 -0.02 -1.59
C SER A 339 14.99 0.47 -0.21
N ILE A 340 14.93 -0.38 0.81
CA ILE A 340 15.38 0.04 2.14
C ILE A 340 16.85 0.41 2.10
N TYR A 341 17.67 -0.39 1.42
CA TYR A 341 19.10 -0.10 1.35
C TYR A 341 19.39 1.13 0.52
N ALA A 342 18.68 1.33 -0.60
CA ALA A 342 19.11 2.32 -1.60
C ALA A 342 18.39 3.66 -1.52
N VAL A 343 17.22 3.74 -0.88
CA VAL A 343 16.33 4.90 -1.06
C VAL A 343 16.95 6.17 -0.51
N ASP A 344 17.69 6.09 0.60
CA ASP A 344 18.32 7.28 1.17
C ASP A 344 19.74 7.48 0.66
N ARG A 345 20.44 6.40 0.30
CA ARG A 345 21.80 6.52 -0.19
C ARG A 345 21.83 7.05 -1.62
N TYR A 346 20.99 6.48 -2.48
CA TYR A 346 21.03 6.77 -3.91
C TYR A 346 19.79 7.50 -4.40
N GLY A 347 18.70 7.46 -3.66
CA GLY A 347 17.60 8.35 -3.98
C GLY A 347 16.32 7.68 -4.44
N ARG A 348 15.22 8.41 -4.33
CA ARG A 348 13.94 7.91 -4.82
C ARG A 348 13.92 7.81 -6.34
N ARG A 349 14.59 8.74 -7.04
CA ARG A 349 14.49 8.76 -8.50
C ARG A 349 15.09 7.51 -9.10
N LEU A 350 16.28 7.11 -8.62
CA LEU A 350 16.93 5.93 -9.19
C LEU A 350 16.03 4.71 -9.07
N LEU A 351 15.35 4.57 -7.93
CA LEU A 351 14.45 3.45 -7.72
C LEU A 351 13.25 3.49 -8.67
N PHE A 352 12.59 4.64 -8.77
CA PHE A 352 11.50 4.81 -9.74
C PHE A 352 11.95 4.43 -11.15
N LEU A 353 13.13 4.92 -11.55
CA LEU A 353 13.55 4.77 -12.93
C LEU A 353 13.94 3.33 -13.23
N GLU A 354 14.77 2.72 -12.39
CA GLU A 354 15.12 1.31 -12.64
C GLU A 354 13.89 0.43 -12.53
N GLY A 355 13.08 0.65 -11.48
CA GLY A 355 11.92 -0.20 -11.26
C GLY A 355 10.93 -0.13 -12.41
N GLY A 356 10.71 1.07 -12.93
CA GLY A 356 9.81 1.22 -14.07
C GLY A 356 10.37 0.56 -15.32
N ILE A 357 11.67 0.69 -15.54
CA ILE A 357 12.27 0.06 -16.73
C ILE A 357 12.20 -1.45 -16.61
N GLN A 358 12.50 -1.97 -15.41
CA GLN A 358 12.49 -3.42 -15.22
C GLN A 358 11.08 -3.97 -15.34
N MET A 359 10.09 -3.31 -14.73
CA MET A 359 8.70 -3.71 -14.89
C MET A 359 8.28 -3.68 -16.35
N PHE A 360 8.61 -2.58 -17.04
CA PHE A 360 8.26 -2.43 -18.45
C PHE A 360 8.82 -3.59 -19.27
N ILE A 361 10.10 -3.88 -19.10
CA ILE A 361 10.72 -4.94 -19.91
C ILE A 361 10.07 -6.28 -19.59
N CYS A 362 9.83 -6.56 -18.31
CA CYS A 362 9.24 -7.84 -17.94
C CYS A 362 7.82 -7.97 -18.48
N GLN A 363 7.05 -6.88 -18.49
CA GLN A 363 5.72 -6.94 -19.08
C GLN A 363 5.79 -7.24 -20.58
N LEU A 364 6.71 -6.60 -21.29
CA LEU A 364 6.89 -6.90 -22.71
C LEU A 364 7.33 -8.35 -22.92
N LEU A 365 8.23 -8.85 -22.06
CA LEU A 365 8.71 -10.21 -22.23
C LEU A 365 7.59 -11.23 -21.97
N VAL A 366 6.82 -11.07 -20.88
CA VAL A 366 5.76 -12.04 -20.60
C VAL A 366 4.68 -12.01 -21.67
N GLY A 367 4.26 -10.81 -22.08
CA GLY A 367 3.21 -10.72 -23.09
C GLY A 367 3.62 -11.40 -24.39
N SER A 368 4.83 -11.10 -24.88
CA SER A 368 5.28 -11.69 -26.12
C SER A 368 5.64 -13.16 -25.94
N PHE A 369 6.10 -13.55 -24.75
CA PHE A 369 6.41 -14.96 -24.52
C PHE A 369 5.14 -15.83 -24.60
N ILE A 370 4.07 -15.41 -23.90
CA ILE A 370 2.81 -16.14 -23.97
C ILE A 370 2.27 -16.14 -25.40
N GLY A 371 2.27 -14.97 -26.04
CA GLY A 371 1.83 -14.90 -27.43
C GLY A 371 2.60 -15.80 -28.36
N ALA A 372 3.90 -15.97 -28.12
CA ALA A 372 4.74 -16.77 -29.00
C ALA A 372 4.60 -18.27 -28.73
N ARG A 373 4.41 -18.66 -27.48
CA ARG A 373 4.34 -20.08 -27.13
C ARG A 373 3.05 -20.73 -27.60
N PHE A 374 2.07 -19.96 -28.07
CA PHE A 374 0.89 -20.51 -28.70
C PHE A 374 1.04 -20.68 -30.21
N GLY A 375 1.92 -19.89 -30.83
CA GLY A 375 2.20 -20.00 -32.24
C GLY A 375 3.31 -20.96 -32.59
N THR A 376 3.97 -21.55 -31.60
CA THR A 376 5.00 -22.55 -31.83
C THR A 376 4.73 -23.89 -31.19
N SER A 377 3.77 -23.98 -30.25
CA SER A 377 3.49 -25.22 -29.54
C SER A 377 2.92 -26.30 -30.46
N GLY A 378 1.68 -26.11 -30.92
CA GLY A 378 0.97 -27.06 -31.74
C GLY A 378 -0.14 -27.80 -31.02
N THR A 379 0.03 -28.04 -29.71
CA THR A 379 -0.95 -28.78 -28.94
C THR A 379 -2.00 -27.89 -28.27
N GLY A 380 -1.80 -26.56 -28.28
CA GLY A 380 -2.77 -25.63 -27.73
C GLY A 380 -2.69 -25.41 -26.24
N THR A 381 -1.85 -26.14 -25.53
CA THR A 381 -1.72 -26.01 -24.08
C THR A 381 -0.28 -25.65 -23.73
N LEU A 382 -0.11 -24.74 -22.77
CA LEU A 382 1.21 -24.39 -22.30
C LEU A 382 1.77 -25.52 -21.43
N THR A 383 3.08 -25.76 -21.56
CA THR A 383 3.73 -26.81 -20.81
C THR A 383 4.03 -26.34 -19.39
N PRO A 384 4.33 -27.26 -18.47
CA PRO A 384 4.73 -26.83 -17.11
C PRO A 384 5.96 -25.92 -17.13
N ALA A 385 6.97 -26.27 -17.93
CA ALA A 385 8.16 -25.43 -18.04
C ALA A 385 7.82 -24.03 -18.52
N THR A 386 6.93 -23.92 -19.49
CA THR A 386 6.48 -22.60 -19.95
C THR A 386 5.79 -21.84 -18.82
N ALA A 387 4.91 -22.52 -18.07
CA ALA A 387 4.26 -21.86 -16.94
C ALA A 387 5.27 -21.37 -15.91
N ASP A 388 6.31 -22.18 -15.65
CA ASP A 388 7.33 -21.75 -14.69
C ASP A 388 8.06 -20.51 -15.16
N TRP A 389 8.38 -20.45 -16.46
CA TRP A 389 9.04 -19.25 -16.99
C TRP A 389 8.14 -18.03 -16.92
N ILE A 390 6.84 -18.23 -17.16
CA ILE A 390 5.89 -17.12 -17.00
C ILE A 390 5.90 -16.62 -15.55
N LEU A 391 5.91 -17.54 -14.58
CA LEU A 391 6.01 -17.12 -13.19
C LEU A 391 7.34 -16.42 -12.92
N ALA A 392 8.43 -16.91 -13.52
CA ALA A 392 9.74 -16.31 -13.31
C ALA A 392 9.77 -14.87 -13.81
N PHE A 393 9.32 -14.64 -15.04
CA PHE A 393 9.26 -13.28 -15.55
C PHE A 393 8.37 -12.39 -14.68
N ILE A 394 7.22 -12.91 -14.24
CA ILE A 394 6.33 -12.14 -13.40
C ILE A 394 7.01 -11.78 -12.08
N CYS A 395 7.79 -12.72 -11.53
CA CYS A 395 8.51 -12.44 -10.30
C CYS A 395 9.53 -11.32 -10.47
N VAL A 396 10.18 -11.22 -11.64
CA VAL A 396 11.13 -10.12 -11.81
C VAL A 396 10.37 -8.80 -11.96
N TYR A 397 9.18 -8.84 -12.55
CA TYR A 397 8.32 -7.66 -12.57
C TYR A 397 7.92 -7.25 -11.15
N VAL A 398 7.53 -8.23 -10.33
CA VAL A 398 7.11 -7.95 -8.97
C VAL A 398 8.29 -7.39 -8.17
N ALA A 399 9.48 -7.96 -8.36
CA ALA A 399 10.67 -7.42 -7.70
C ALA A 399 10.87 -5.95 -8.05
N GLY A 400 10.72 -5.59 -9.33
CA GLY A 400 10.87 -4.20 -9.73
C GLY A 400 9.84 -3.29 -9.09
N PHE A 401 8.58 -3.72 -9.06
CA PHE A 401 7.57 -2.96 -8.33
C PHE A 401 7.93 -2.85 -6.86
N ALA A 402 8.40 -3.95 -6.27
CA ALA A 402 8.56 -4.05 -4.82
C ALA A 402 9.69 -3.18 -4.28
N TRP A 403 10.63 -2.73 -5.13
CA TRP A 403 11.59 -1.73 -4.71
C TRP A 403 11.38 -0.39 -5.41
N SER A 404 10.23 -0.19 -6.06
CA SER A 404 9.93 1.11 -6.63
C SER A 404 8.51 1.54 -6.28
N TRP A 405 7.54 1.32 -7.17
CA TRP A 405 6.22 1.93 -6.98
C TRP A 405 5.51 1.43 -5.73
N GLY A 406 5.82 0.24 -5.24
CA GLY A 406 5.27 -0.23 -3.99
C GLY A 406 5.64 0.66 -2.81
N PRO A 407 6.91 0.59 -2.40
CA PRO A 407 7.32 1.39 -1.22
C PRO A 407 7.26 2.89 -1.47
N LEU A 408 7.59 3.36 -2.67
CA LEU A 408 7.61 4.80 -2.93
C LEU A 408 6.21 5.37 -3.00
N GLY A 409 5.22 4.55 -3.34
CA GLY A 409 3.84 5.01 -3.32
C GLY A 409 3.30 5.29 -1.93
N TRP A 410 3.94 4.78 -0.87
CA TRP A 410 3.60 5.13 0.50
C TRP A 410 4.63 6.02 1.16
N LEU A 411 5.75 6.30 0.51
CA LEU A 411 6.76 7.21 1.03
C LEU A 411 6.59 8.62 0.48
N VAL A 412 6.57 8.76 -0.85
CA VAL A 412 6.74 10.07 -1.46
C VAL A 412 5.61 11.04 -1.10
N PRO A 413 4.33 10.65 -1.16
CA PRO A 413 3.29 11.61 -0.74
C PRO A 413 3.47 12.09 0.70
N SER A 414 3.91 11.21 1.61
CA SER A 414 4.04 11.60 3.01
C SER A 414 5.22 12.53 3.27
N GLU A 415 6.13 12.72 2.31
CA GLU A 415 7.32 13.53 2.57
C GLU A 415 7.39 14.80 1.73
N ILE A 416 6.35 15.13 0.96
CA ILE A 416 6.39 16.28 0.05
C ILE A 416 5.41 17.38 0.41
N CYS A 417 4.58 17.21 1.46
CA CYS A 417 3.50 18.13 1.85
C CYS A 417 3.92 19.01 3.00
N PRO A 418 3.72 20.33 2.91
CA PRO A 418 3.86 21.17 4.11
C PRO A 418 2.91 20.71 5.21
N LEU A 419 3.28 21.03 6.45
CA LEU A 419 2.65 20.43 7.62
C LEU A 419 1.12 20.55 7.59
N GLU A 420 0.60 21.72 7.22
CA GLU A 420 -0.82 21.98 7.35
C GLU A 420 -1.67 21.11 6.42
N ILE A 421 -1.11 20.71 5.27
CA ILE A 421 -1.80 19.85 4.31
C ILE A 421 -1.23 18.44 4.28
N ARG A 422 -0.36 18.09 5.23
CA ARG A 422 0.26 16.77 5.18
C ARG A 422 -0.74 15.66 5.48
N PRO A 423 -1.58 15.75 6.52
CA PRO A 423 -2.64 14.73 6.67
C PRO A 423 -3.61 14.70 5.50
N ALA A 424 -3.97 15.87 4.95
CA ALA A 424 -4.90 15.90 3.83
C ALA A 424 -4.28 15.30 2.56
N GLY A 425 -3.01 15.63 2.26
CA GLY A 425 -2.37 15.05 1.09
C GLY A 425 -2.24 13.54 1.19
N GLN A 426 -1.94 13.04 2.39
CA GLN A 426 -1.86 11.60 2.58
C GLN A 426 -3.23 10.94 2.51
N ALA A 427 -4.28 11.67 2.90
CA ALA A 427 -5.64 11.18 2.71
C ALA A 427 -6.01 11.12 1.23
N ILE A 428 -5.64 12.13 0.44
CA ILE A 428 -5.81 12.03 -1.01
C ILE A 428 -5.10 10.79 -1.53
N ASN A 429 -3.85 10.56 -1.07
CA ASN A 429 -3.07 9.41 -1.52
C ASN A 429 -3.84 8.11 -1.25
N VAL A 430 -4.27 7.91 -0.01
CA VAL A 430 -4.98 6.68 0.35
C VAL A 430 -6.27 6.56 -0.44
N SER A 431 -7.03 7.65 -0.52
CA SER A 431 -8.38 7.54 -1.08
C SER A 431 -8.34 7.30 -2.58
N VAL A 432 -7.44 8.01 -3.28
CA VAL A 432 -7.24 7.71 -4.71
C VAL A 432 -6.68 6.30 -4.87
N ASN A 433 -5.80 5.88 -3.97
CA ASN A 433 -5.23 4.54 -4.06
C ASN A 433 -6.32 3.48 -3.94
N MET A 434 -7.21 3.63 -2.95
CA MET A 434 -8.27 2.64 -2.77
C MET A 434 -9.22 2.63 -3.95
N PHE A 435 -9.54 3.81 -4.47
CA PHE A 435 -10.46 3.91 -5.60
C PHE A 435 -9.93 3.15 -6.81
N PHE A 436 -8.65 3.36 -7.16
CA PHE A 436 -8.11 2.70 -8.34
C PHE A 436 -7.67 1.28 -8.07
N THR A 437 -7.35 0.93 -6.82
CA THR A 437 -7.11 -0.47 -6.50
C THR A 437 -8.34 -1.30 -6.87
N PHE A 438 -9.52 -0.85 -6.43
CA PHE A 438 -10.72 -1.60 -6.75
C PHE A 438 -11.04 -1.49 -8.24
N LEU A 439 -11.02 -0.28 -8.80
CA LEU A 439 -11.48 -0.08 -10.17
C LEU A 439 -10.65 -0.91 -11.15
N ILE A 440 -9.33 -0.88 -11.01
CA ILE A 440 -8.46 -1.58 -11.93
C ILE A 440 -8.56 -3.09 -11.71
N GLY A 441 -8.60 -3.53 -10.45
CA GLY A 441 -8.72 -4.94 -10.17
C GLY A 441 -10.02 -5.52 -10.70
N GLN A 442 -11.13 -4.78 -10.52
CA GLN A 442 -12.41 -5.26 -11.04
C GLN A 442 -12.47 -5.17 -12.56
N PHE A 443 -11.97 -4.07 -13.14
CA PHE A 443 -12.08 -3.92 -14.59
C PHE A 443 -11.35 -5.04 -15.33
N PHE A 444 -10.21 -5.47 -14.81
CA PHE A 444 -9.38 -6.46 -15.47
C PHE A 444 -9.66 -7.90 -15.03
N LEU A 445 -10.65 -8.11 -14.16
CA LEU A 445 -10.94 -9.46 -13.67
C LEU A 445 -11.23 -10.42 -14.83
N THR A 446 -12.10 -10.02 -15.77
CA THR A 446 -12.44 -10.93 -16.85
C THR A 446 -11.24 -11.21 -17.74
N MET A 447 -10.44 -10.19 -18.06
CA MET A 447 -9.22 -10.42 -18.85
C MET A 447 -8.26 -11.34 -18.12
N LEU A 448 -8.06 -11.10 -16.82
CA LEU A 448 -7.23 -12.00 -16.01
C LEU A 448 -7.76 -13.43 -16.05
N CYS A 449 -9.05 -13.60 -15.80
CA CYS A 449 -9.64 -14.93 -15.68
C CYS A 449 -9.72 -15.67 -17.01
N HIS A 450 -9.76 -14.96 -18.13
CA HIS A 450 -9.71 -15.62 -19.43
C HIS A 450 -8.32 -15.60 -20.04
N MET A 451 -7.29 -15.29 -19.25
CA MET A 451 -5.89 -15.41 -19.68
C MET A 451 -5.60 -14.51 -20.89
N LYS A 452 -6.17 -13.30 -20.88
CA LYS A 452 -5.97 -12.35 -21.96
C LYS A 452 -4.63 -11.65 -21.75
N PHE A 453 -3.56 -12.25 -22.28
CA PHE A 453 -2.21 -11.75 -22.01
C PHE A 453 -1.94 -10.38 -22.60
N GLY A 454 -2.81 -9.88 -23.49
CA GLY A 454 -2.68 -8.51 -23.95
C GLY A 454 -2.65 -7.48 -22.83
N LEU A 455 -3.21 -7.83 -21.67
CA LEU A 455 -3.17 -6.90 -20.53
C LEU A 455 -1.74 -6.51 -20.18
N PHE A 456 -0.77 -7.41 -20.38
CA PHE A 456 0.62 -7.06 -20.10
C PHE A 456 1.09 -5.91 -20.99
N TYR A 457 0.62 -5.87 -22.25
CA TYR A 457 0.98 -4.77 -23.15
C TYR A 457 0.35 -3.46 -22.71
N PHE A 458 -0.91 -3.50 -22.28
CA PHE A 458 -1.53 -2.28 -21.75
C PHE A 458 -0.78 -1.76 -20.53
N PHE A 459 -0.51 -2.64 -19.56
CA PHE A 459 0.16 -2.12 -18.37
C PHE A 459 1.58 -1.69 -18.68
N ALA A 460 2.25 -2.32 -19.65
CA ALA A 460 3.56 -1.82 -20.07
C ALA A 460 3.48 -0.38 -20.54
N SER A 461 2.44 -0.05 -21.31
CA SER A 461 2.33 1.31 -21.83
C SER A 461 2.09 2.30 -20.70
N MET A 462 1.31 1.90 -19.69
CA MET A 462 1.13 2.76 -18.53
C MET A 462 2.43 2.94 -17.75
N VAL A 463 3.21 1.87 -17.58
CA VAL A 463 4.47 1.99 -16.86
C VAL A 463 5.45 2.90 -17.61
N ALA A 464 5.43 2.86 -18.94
CA ALA A 464 6.21 3.83 -19.71
C ALA A 464 5.79 5.25 -19.37
N ILE A 465 4.47 5.51 -19.36
CA ILE A 465 3.96 6.85 -19.11
C ILE A 465 4.39 7.35 -17.72
N MET A 466 4.20 6.51 -16.69
CA MET A 466 4.51 6.96 -15.35
C MET A 466 6.01 7.11 -15.14
N THR A 467 6.82 6.33 -15.86
CA THR A 467 8.26 6.48 -15.72
C THR A 467 8.75 7.78 -16.35
N VAL A 468 8.15 8.17 -17.48
CA VAL A 468 8.46 9.46 -18.08
C VAL A 468 7.96 10.60 -17.19
N PHE A 469 6.76 10.44 -16.63
CA PHE A 469 6.23 11.42 -15.68
C PHE A 469 7.21 11.67 -14.55
N ILE A 470 7.67 10.59 -13.90
CA ILE A 470 8.66 10.72 -12.82
C ILE A 470 9.93 11.40 -13.34
N TYR A 471 10.43 10.95 -14.50
CA TYR A 471 11.71 11.46 -14.98
C TYR A 471 11.70 12.96 -15.11
N PHE A 472 10.64 13.53 -15.67
CA PHE A 472 10.61 14.97 -15.88
C PHE A 472 10.10 15.77 -14.68
N LEU A 473 9.29 15.18 -13.79
CA LEU A 473 8.57 15.99 -12.82
C LEU A 473 8.89 15.74 -11.36
N LEU A 474 9.59 14.66 -11.00
CA LEU A 474 9.81 14.39 -9.58
C LEU A 474 11.19 14.87 -9.18
N PRO A 475 11.32 15.90 -8.35
CA PRO A 475 12.63 16.26 -7.82
C PRO A 475 13.07 15.25 -6.76
N GLU A 476 14.39 15.08 -6.66
CA GLU A 476 14.94 14.17 -5.65
C GLU A 476 14.66 14.70 -4.24
N THR A 477 14.11 13.83 -3.39
CA THR A 477 13.72 14.23 -2.03
C THR A 477 14.61 13.65 -0.94
N LYS A 478 15.58 12.81 -1.29
CA LYS A 478 16.34 12.10 -0.26
C LYS A 478 17.06 13.06 0.68
N GLY A 479 17.03 12.74 1.97
CA GLY A 479 17.86 13.40 2.96
C GLY A 479 17.40 14.78 3.39
N VAL A 480 16.38 15.35 2.79
CA VAL A 480 15.95 16.71 3.13
C VAL A 480 15.05 16.65 4.37
N PRO A 481 15.28 17.49 5.38
CA PRO A 481 14.37 17.53 6.53
C PRO A 481 12.95 17.81 6.06
N ILE A 482 11.98 17.14 6.69
CA ILE A 482 10.65 17.07 6.10
C ILE A 482 10.04 18.46 5.97
N GLU A 483 10.25 19.33 6.96
CA GLU A 483 9.67 20.67 6.88
C GLU A 483 10.38 21.57 5.89
N GLU A 484 11.58 21.20 5.42
CA GLU A 484 12.36 21.99 4.48
C GLU A 484 12.19 21.53 3.03
N MET A 485 11.21 20.67 2.76
CA MET A 485 11.06 20.09 1.43
C MET A 485 10.67 21.12 0.38
N GLY A 486 10.13 22.27 0.78
CA GLY A 486 9.88 23.33 -0.19
C GLY A 486 11.12 23.72 -0.97
N ARG A 487 12.31 23.58 -0.35
CA ARG A 487 13.57 23.88 -1.03
C ARG A 487 13.74 23.02 -2.28
N VAL A 488 13.23 21.79 -2.26
CA VAL A 488 13.41 20.87 -3.37
C VAL A 488 12.48 21.24 -4.52
N TRP A 489 11.23 21.58 -4.21
CA TRP A 489 10.32 22.04 -5.26
C TRP A 489 10.82 23.34 -5.87
N LYS A 490 11.34 24.24 -5.02
CA LYS A 490 11.79 25.56 -5.49
C LYS A 490 12.91 25.47 -6.51
N GLN A 491 13.71 24.41 -6.49
CA GLN A 491 14.81 24.29 -7.43
C GLN A 491 14.45 23.45 -8.65
N HIS A 492 13.23 22.93 -8.73
CA HIS A 492 12.84 22.10 -9.87
C HIS A 492 12.49 22.99 -11.05
N TRP A 493 12.98 22.60 -12.24
CA TRP A 493 12.86 23.44 -13.43
C TRP A 493 11.40 23.82 -13.72
N PHE A 494 10.45 22.96 -13.36
CA PHE A 494 9.04 23.23 -13.63
C PHE A 494 8.29 23.71 -12.41
N TRP A 495 8.41 23.01 -11.28
CA TRP A 495 7.60 23.36 -10.12
C TRP A 495 8.05 24.66 -9.44
N LYS A 496 9.22 25.21 -9.78
CA LYS A 496 9.71 26.37 -9.05
C LYS A 496 8.75 27.55 -9.13
N LYS A 497 7.97 27.64 -10.21
CA LYS A 497 7.07 28.77 -10.36
C LYS A 497 5.92 28.76 -9.33
N TYR A 498 5.66 27.62 -8.69
CA TYR A 498 4.57 27.55 -7.71
C TYR A 498 4.99 27.89 -6.28
N ILE A 499 6.28 27.85 -5.98
CA ILE A 499 6.78 27.91 -4.61
C ILE A 499 7.29 29.33 -4.35
N PRO A 500 6.66 30.09 -3.45
CA PRO A 500 7.23 31.38 -3.06
C PRO A 500 8.39 31.22 -2.09
N GLU A 501 9.35 32.14 -2.18
CA GLU A 501 10.49 32.11 -1.27
C GLU A 501 10.03 32.17 0.19
N ASP A 502 9.07 33.04 0.51
CA ASP A 502 8.67 33.26 1.90
C ASP A 502 8.11 32.00 2.55
N ALA A 503 7.65 31.02 1.77
CA ALA A 503 7.09 29.80 2.35
C ALA A 503 8.15 28.76 2.67
N ILE A 504 9.39 28.94 2.18
CA ILE A 504 10.44 27.93 2.30
C ILE A 504 11.05 27.98 3.69
N ILE A 505 11.22 26.80 4.30
CA ILE A 505 11.77 26.65 5.64
C ILE A 505 13.19 26.11 5.55
N GLY A 506 14.09 26.67 6.38
CA GLY A 506 15.48 26.28 6.31
C GLY A 506 16.21 26.99 5.17
N GLY A 507 17.18 26.29 4.60
CA GLY A 507 17.98 26.86 3.52
C GLY A 507 19.18 27.68 3.98
#